data_3MWR
#
_entry.id   3MWR
#
_cell.length_a   101.903
_cell.length_b   33.067
_cell.length_c   73.869
_cell.angle_alpha   90.000
_cell.angle_beta   90.390
_cell.angle_gamma   90.000
#
_symmetry.space_group_name_H-M   'C 1 2 1'
#
loop_
_entity.id
_entity.type
_entity.pdbx_description
1 polymer 'Ribonuclease pancreatic, LINKER, Ribonuclease pancreatic'
2 non-polymer 'SULFATE ION'
3 non-polymer GLYCEROL
4 water water
#
_entity_poly.entity_id   1
_entity_poly.type   'polypeptide(L)'
_entity_poly.pdbx_seq_one_letter_code
;KETAAAKFERQHMDSSTSAASSSNYCNQMMKSRNLTKDRCKPVNTFVHESLADVQAVCSQKNVACKNGQTNCYQSYSTMS
ITDCRETGSSKYPNCAYKTTQANKHIIVACEGNPYVPVHFDASVSGSGSGKETAAAKFERQHMDSSTSAASSSNYCNQMM
KSRNLTKDRCKPVNTFVHESLADVQAVCSQKNVACKNGQTNCYQSYSTMSITDCRETGSSKYPNCAYKTTQANKHIIVAC
EGNPYVPVHFDASV
;
_entity_poly.pdbx_strand_id   A
#
loop_
_chem_comp.id
_chem_comp.type
_chem_comp.name
_chem_comp.formula
GOL non-polymer GLYCEROL 'C3 H8 O3'
SO4 non-polymer 'SULFATE ION' 'O4 S -2'
#
# COMPACT_ATOMS: atom_id res chain seq x y z
N LYS A 1 -24.49 -13.14 8.30
CA LYS A 1 -23.17 -13.18 8.93
C LYS A 1 -22.12 -12.45 8.12
N GLU A 2 -21.99 -11.15 8.39
CA GLU A 2 -21.04 -10.29 7.69
C GLU A 2 -19.61 -10.63 8.05
N THR A 3 -18.75 -10.77 7.05
CA THR A 3 -17.34 -11.00 7.30
C THR A 3 -16.69 -9.69 7.75
N ALA A 4 -15.57 -9.80 8.44
CA ALA A 4 -14.81 -8.62 8.84
C ALA A 4 -14.41 -7.82 7.61
N ALA A 5 -14.06 -8.52 6.54
CA ALA A 5 -13.69 -7.86 5.29
C ALA A 5 -14.87 -7.10 4.71
N ALA A 6 -16.04 -7.74 4.74
CA ALA A 6 -17.25 -7.12 4.22
C ALA A 6 -17.64 -5.92 5.08
N LYS A 7 -17.54 -6.09 6.40
CA LYS A 7 -17.85 -4.99 7.31
C LYS A 7 -16.99 -3.76 7.02
N PHE A 8 -15.71 -3.98 6.76
CA PHE A 8 -14.83 -2.87 6.41
C PHE A 8 -15.28 -2.16 5.13
N GLU A 9 -15.70 -2.94 4.14
CA GLU A 9 -16.17 -2.39 2.88
C GLU A 9 -17.44 -1.55 3.07
N ARG A 10 -18.36 -2.06 3.90
CA ARG A 10 -19.61 -1.35 4.19
C ARG A 10 -19.35 -0.03 4.93
N GLN A 11 -18.42 -0.07 5.88
CA GLN A 11 -18.18 1.08 6.74
C GLN A 11 -17.23 2.10 6.12
N HIS A 12 -16.29 1.64 5.30
CA HIS A 12 -15.18 2.51 4.89
C HIS A 12 -14.93 2.65 3.39
N MET A 13 -15.59 1.85 2.57
CA MET A 13 -15.37 1.95 1.12
C MET A 13 -16.51 2.66 0.41
N ASP A 14 -16.18 3.72 -0.31
CA ASP A 14 -17.11 4.33 -1.25
C ASP A 14 -16.46 4.38 -2.64
N SER A 15 -16.41 3.23 -3.29
CA SER A 15 -15.80 3.10 -4.60
C SER A 15 -16.78 3.50 -5.70
N SER A 16 -17.63 4.48 -5.42
CA SER A 16 -18.63 4.91 -6.40
C SER A 16 -18.58 6.41 -6.65
N THR A 17 -17.84 7.13 -5.79
CA THR A 17 -17.67 8.57 -5.95
C THR A 17 -16.21 8.95 -5.68
N SER A 18 -15.67 9.83 -6.51
CA SER A 18 -14.27 10.24 -6.38
C SER A 18 -14.04 11.14 -5.17
N ALA A 19 -15.13 11.72 -4.66
CA ALA A 19 -15.06 12.58 -3.47
C ALA A 19 -16.46 12.88 -2.95
N ALA A 20 -16.52 13.51 -1.78
CA ALA A 20 -17.80 13.93 -1.21
C ALA A 20 -18.36 15.09 -2.02
N SER A 21 -19.61 14.98 -2.44
CA SER A 21 -20.25 15.99 -3.26
C SER A 21 -20.89 17.06 -2.39
N SER A 22 -21.70 16.63 -1.42
CA SER A 22 -22.50 17.54 -0.63
C SER A 22 -22.06 17.60 0.82
N SER A 23 -22.45 18.67 1.51
CA SER A 23 -22.23 18.77 2.94
C SER A 23 -23.18 17.81 3.65
N ASN A 24 -24.03 17.17 2.85
CA ASN A 24 -24.97 16.17 3.34
C ASN A 24 -24.51 14.76 2.99
N TYR A 25 -23.31 14.64 2.43
CA TYR A 25 -22.78 13.34 2.05
C TYR A 25 -22.81 12.37 3.22
N CYS A 26 -22.30 12.82 4.37
CA CYS A 26 -22.22 11.96 5.54
C CYS A 26 -23.59 11.63 6.10
N ASN A 27 -24.49 12.62 6.08
CA ASN A 27 -25.86 12.40 6.54
C ASN A 27 -26.52 11.24 5.82
N GLN A 28 -26.31 11.17 4.51
CA GLN A 28 -26.88 10.11 3.68
C GLN A 28 -26.11 8.80 3.83
N MET A 29 -24.79 8.89 3.82
CA MET A 29 -23.93 7.71 3.77
C MET A 29 -23.92 6.93 5.09
N MET A 30 -23.92 7.64 6.21
CA MET A 30 -23.92 6.99 7.51
C MET A 30 -25.21 6.20 7.69
N LYS A 31 -26.31 6.76 7.21
CA LYS A 31 -27.61 6.09 7.26
C LYS A 31 -27.65 4.87 6.34
N SER A 32 -27.34 5.08 5.07
CA SER A 32 -27.40 4.00 4.08
C SER A 32 -26.49 2.83 4.45
N ARG A 33 -25.35 3.14 5.06
CA ARG A 33 -24.38 2.10 5.41
C ARG A 33 -24.68 1.47 6.76
N ASN A 34 -25.83 1.81 7.33
CA ASN A 34 -26.28 1.23 8.60
C ASN A 34 -25.41 1.61 9.79
N LEU A 35 -24.75 2.75 9.70
CA LEU A 35 -23.90 3.23 10.78
C LEU A 35 -24.68 4.12 11.76
N THR A 36 -25.99 4.19 11.57
CA THR A 36 -26.85 4.98 12.45
C THR A 36 -28.11 4.20 12.84
N LYS A 37 -28.08 2.88 12.63
CA LYS A 37 -29.27 2.06 12.84
C LYS A 37 -29.69 1.94 14.31
N ASP A 38 -28.73 1.67 15.18
CA ASP A 38 -29.03 1.48 16.60
C ASP A 38 -28.44 2.60 17.45
N ARG A 39 -27.68 3.47 16.80
CA ARG A 39 -27.10 4.63 17.45
C ARG A 39 -26.36 5.47 16.42
N CYS A 40 -26.14 6.74 16.71
CA CYS A 40 -25.35 7.58 15.83
C CYS A 40 -23.88 7.31 16.05
N LYS A 41 -23.26 6.57 15.13
CA LYS A 41 -21.81 6.37 15.18
C LYS A 41 -21.16 7.75 15.10
N PRO A 42 -20.33 8.09 16.09
CA PRO A 42 -19.82 9.45 16.26
C PRO A 42 -18.93 9.92 15.10
N VAL A 43 -17.97 9.08 14.73
N VAL A 43 -17.96 9.09 14.73
CA VAL A 43 -17.02 9.44 13.67
CA VAL A 43 -17.02 9.44 13.69
C VAL A 43 -16.76 8.27 12.73
C VAL A 43 -16.78 8.27 12.74
N ASN A 44 -16.61 8.58 11.45
CA ASN A 44 -16.37 7.56 10.45
C ASN A 44 -15.69 8.14 9.21
N THR A 45 -14.85 7.34 8.57
CA THR A 45 -14.18 7.76 7.34
C THR A 45 -14.55 6.85 6.17
N PHE A 46 -14.86 7.46 5.03
CA PHE A 46 -15.09 6.72 3.80
C PHE A 46 -13.95 7.00 2.83
N VAL A 47 -13.48 5.96 2.16
CA VAL A 47 -12.39 6.09 1.20
C VAL A 47 -12.91 6.09 -0.23
N HIS A 48 -12.51 7.11 -1.00
CA HIS A 48 -12.93 7.24 -2.38
C HIS A 48 -11.85 6.75 -3.33
N GLU A 49 -11.57 5.45 -3.27
CA GLU A 49 -10.63 4.81 -4.17
C GLU A 49 -11.20 3.46 -4.56
N SER A 50 -10.57 2.80 -5.52
CA SER A 50 -10.97 1.45 -5.89
C SER A 50 -10.68 0.51 -4.73
N LEU A 51 -11.48 -0.54 -4.61
CA LEU A 51 -11.25 -1.56 -3.60
C LEU A 51 -9.84 -2.14 -3.79
N ALA A 52 -9.41 -2.19 -5.05
CA ALA A 52 -8.09 -2.70 -5.38
C ALA A 52 -7.00 -1.83 -4.77
N ASP A 53 -7.11 -0.52 -4.96
CA ASP A 53 -6.13 0.42 -4.42
C ASP A 53 -6.07 0.37 -2.90
N VAL A 54 -7.23 0.21 -2.26
CA VAL A 54 -7.28 0.17 -0.80
C VAL A 54 -6.73 -1.15 -0.26
N GLN A 55 -7.12 -2.26 -0.89
CA GLN A 55 -6.59 -3.57 -0.51
C GLN A 55 -5.08 -3.61 -0.68
N ALA A 56 -4.58 -2.90 -1.69
CA ALA A 56 -3.16 -2.85 -1.97
C ALA A 56 -2.36 -2.30 -0.79
N VAL A 57 -2.99 -1.44 0.00
CA VAL A 57 -2.32 -0.84 1.15
C VAL A 57 -1.80 -1.91 2.11
N CYS A 58 -2.44 -3.08 2.10
CA CYS A 58 -2.03 -4.17 2.98
C CYS A 58 -0.63 -4.72 2.66
N SER A 59 -0.07 -4.30 1.53
N SER A 59 -0.06 -4.28 1.54
CA SER A 59 1.27 -4.71 1.15
CA SER A 59 1.28 -4.72 1.15
C SER A 59 2.18 -3.49 1.04
C SER A 59 2.25 -3.55 1.19
N GLN A 60 1.80 -2.42 1.71
CA GLN A 60 2.58 -1.19 1.70
C GLN A 60 3.31 -0.95 3.02
N LYS A 61 3.35 0.29 3.52
CA LYS A 61 4.23 0.56 4.65
C LYS A 61 3.68 0.01 5.96
N ASN A 62 4.34 -1.00 6.51
CA ASN A 62 3.94 -1.59 7.78
C ASN A 62 4.22 -0.63 8.92
N VAL A 63 3.18 -0.35 9.72
CA VAL A 63 3.31 0.52 10.87
C VAL A 63 2.57 -0.10 12.07
N ALA A 64 2.94 0.32 13.27
CA ALA A 64 2.27 -0.14 14.47
C ALA A 64 0.85 0.40 14.53
N CYS A 65 -0.10 -0.45 14.88
CA CYS A 65 -1.48 -0.03 15.08
C CYS A 65 -1.59 0.74 16.38
N LYS A 66 -2.61 1.59 16.47
CA LYS A 66 -2.83 2.37 17.69
C LYS A 66 -3.03 1.45 18.90
N ASN A 67 -3.61 0.27 18.65
CA ASN A 67 -3.87 -0.69 19.73
C ASN A 67 -2.67 -1.56 20.06
N GLY A 68 -1.55 -1.32 19.38
CA GLY A 68 -0.34 -2.05 19.70
C GLY A 68 -0.08 -3.26 18.82
N GLN A 69 -1.08 -3.65 18.03
CA GLN A 69 -0.89 -4.76 17.11
C GLN A 69 0.01 -4.31 15.96
N THR A 70 0.58 -5.27 15.22
CA THR A 70 1.58 -4.93 14.22
C THR A 70 1.09 -5.07 12.78
N ASN A 71 -0.21 -5.36 12.61
CA ASN A 71 -0.77 -5.57 11.28
C ASN A 71 -1.43 -4.33 10.67
N CYS A 72 -0.83 -3.16 10.88
CA CYS A 72 -1.33 -1.96 10.24
C CYS A 72 -0.42 -1.49 9.09
N TYR A 73 -1.00 -0.80 8.12
CA TYR A 73 -0.26 -0.40 6.93
C TYR A 73 -0.69 0.98 6.50
N GLN A 74 0.29 1.79 6.13
CA GLN A 74 0.05 3.15 5.70
C GLN A 74 0.27 3.24 4.20
N SER A 75 -0.67 3.89 3.51
CA SER A 75 -0.62 3.96 2.06
C SER A 75 0.52 4.85 1.59
N TYR A 76 1.21 4.42 0.54
CA TYR A 76 2.30 5.21 -0.03
C TYR A 76 1.76 6.48 -0.65
N SER A 77 0.55 6.40 -1.20
CA SER A 77 -0.08 7.55 -1.84
C SER A 77 -1.20 8.12 -0.97
N THR A 78 -1.40 9.43 -1.05
CA THR A 78 -2.56 10.03 -0.40
C THR A 78 -3.80 9.60 -1.16
N MET A 79 -4.92 9.46 -0.46
CA MET A 79 -6.16 9.03 -1.09
C MET A 79 -7.30 10.01 -0.82
N SER A 80 -8.30 9.98 -1.67
CA SER A 80 -9.50 10.79 -1.47
C SER A 80 -10.35 10.17 -0.38
N ILE A 81 -10.53 10.89 0.72
CA ILE A 81 -11.32 10.40 1.84
C ILE A 81 -12.37 11.43 2.25
N THR A 82 -13.37 10.96 2.98
CA THR A 82 -14.37 11.84 3.58
C THR A 82 -14.53 11.48 5.04
N ASP A 83 -14.19 12.43 5.91
CA ASP A 83 -14.42 12.25 7.33
C ASP A 83 -15.85 12.66 7.66
N CYS A 84 -16.51 11.85 8.48
CA CYS A 84 -17.86 12.15 8.93
C CYS A 84 -17.84 12.32 10.43
N ARG A 85 -18.16 13.52 10.91
CA ARG A 85 -18.23 13.76 12.34
C ARG A 85 -19.61 14.24 12.76
N GLU A 86 -20.22 13.53 13.70
CA GLU A 86 -21.54 13.89 14.20
C GLU A 86 -21.53 15.33 14.71
N THR A 87 -22.62 16.05 14.46
CA THR A 87 -22.73 17.43 14.91
C THR A 87 -23.09 17.50 16.38
N GLY A 88 -23.09 18.71 16.94
CA GLY A 88 -23.46 18.90 18.33
C GLY A 88 -24.96 18.80 18.54
N SER A 89 -25.72 19.14 17.51
CA SER A 89 -27.17 19.13 17.59
C SER A 89 -27.76 17.78 17.18
N SER A 90 -26.92 16.93 16.59
CA SER A 90 -27.34 15.59 16.17
C SER A 90 -28.02 14.84 17.32
N LYS A 91 -29.15 14.23 17.01
CA LYS A 91 -29.89 13.46 18.01
C LYS A 91 -30.62 12.30 17.35
N TYR A 92 -30.23 11.09 17.72
CA TYR A 92 -30.82 9.86 17.18
C TYR A 92 -32.34 9.92 17.27
N PRO A 93 -33.05 9.36 16.26
CA PRO A 93 -32.52 8.64 15.10
C PRO A 93 -32.10 9.56 13.95
N ASN A 94 -32.40 10.85 14.05
CA ASN A 94 -32.01 11.78 13.01
C ASN A 94 -30.56 12.23 13.16
N CYS A 95 -29.65 11.27 13.03
CA CYS A 95 -28.23 11.53 13.20
C CYS A 95 -27.72 12.52 12.13
N ALA A 96 -26.98 13.52 12.57
CA ALA A 96 -26.47 14.55 11.67
C ALA A 96 -24.95 14.65 11.74
N TYR A 97 -24.32 14.83 10.58
CA TYR A 97 -22.87 14.81 10.50
C TYR A 97 -22.30 15.98 9.71
N LYS A 98 -21.11 16.41 10.12
CA LYS A 98 -20.31 17.35 9.35
C LYS A 98 -19.48 16.58 8.34
N THR A 99 -19.61 16.93 7.06
CA THR A 99 -18.88 16.25 6.00
C THR A 99 -17.57 16.98 5.70
N THR A 100 -16.47 16.24 5.67
CA THR A 100 -15.16 16.85 5.45
C THR A 100 -14.31 16.10 4.44
N GLN A 101 -14.09 16.73 3.28
CA GLN A 101 -13.27 16.15 2.23
C GLN A 101 -11.79 16.46 2.41
N ALA A 102 -10.95 15.48 2.12
CA ALA A 102 -9.50 15.67 2.21
C ALA A 102 -8.76 14.61 1.40
N ASN A 103 -7.47 14.83 1.23
CA ASN A 103 -6.58 13.83 0.65
C ASN A 103 -5.42 13.55 1.60
N LYS A 104 -5.43 12.38 2.22
CA LYS A 104 -4.41 12.02 3.19
C LYS A 104 -4.00 10.58 2.98
N HIS A 105 -2.87 10.20 3.58
CA HIS A 105 -2.48 8.81 3.62
C HIS A 105 -3.38 8.13 4.65
N ILE A 106 -3.80 6.91 4.37
CA ILE A 106 -4.62 6.17 5.31
C ILE A 106 -3.81 5.07 5.94
N ILE A 107 -4.26 4.62 7.11
CA ILE A 107 -3.67 3.50 7.81
C ILE A 107 -4.76 2.50 8.12
N VAL A 108 -4.62 1.28 7.61
CA VAL A 108 -5.60 0.23 7.81
C VAL A 108 -4.98 -0.98 8.46
N ALA A 109 -5.80 -1.75 9.20
CA ALA A 109 -5.39 -3.02 9.76
C ALA A 109 -5.81 -4.11 8.80
N CYS A 110 -4.92 -5.07 8.58
CA CYS A 110 -5.19 -6.13 7.60
C CYS A 110 -5.14 -7.54 8.21
N GLU A 111 -5.96 -8.43 7.67
CA GLU A 111 -6.06 -9.80 8.16
C GLU A 111 -6.56 -10.72 7.05
N GLY A 112 -6.30 -12.01 7.20
CA GLY A 112 -6.91 -13.02 6.37
C GLY A 112 -6.13 -13.50 5.17
N ASN A 113 -6.68 -14.50 4.50
CA ASN A 113 -6.21 -14.95 3.19
C ASN A 113 -7.43 -14.98 2.28
N PRO A 114 -7.55 -13.99 1.40
CA PRO A 114 -6.53 -12.97 1.07
C PRO A 114 -6.33 -11.95 2.18
N TYR A 115 -5.18 -11.30 2.18
CA TYR A 115 -4.82 -10.33 3.21
C TYR A 115 -5.46 -8.99 2.84
N VAL A 116 -6.54 -8.64 3.53
CA VAL A 116 -7.33 -7.46 3.18
C VAL A 116 -7.63 -6.60 4.40
N PRO A 117 -8.09 -5.36 4.19
CA PRO A 117 -8.40 -4.45 5.29
C PRO A 117 -9.60 -4.91 6.12
N VAL A 118 -9.48 -4.85 7.44
CA VAL A 118 -10.57 -5.19 8.33
C VAL A 118 -10.86 -4.06 9.32
N HIS A 119 -9.93 -3.11 9.43
CA HIS A 119 -10.15 -1.94 10.29
C HIS A 119 -9.53 -0.69 9.69
N PHE A 120 -10.13 0.46 9.96
CA PHE A 120 -9.54 1.74 9.58
C PHE A 120 -8.92 2.38 10.82
N ASP A 121 -7.60 2.50 10.83
CA ASP A 121 -6.89 2.92 12.04
C ASP A 121 -6.69 4.42 12.17
N ALA A 122 -6.37 5.08 11.06
CA ALA A 122 -6.08 6.51 11.04
C ALA A 122 -5.86 7.08 9.65
N SER A 123 -5.72 8.39 9.60
CA SER A 123 -5.33 9.10 8.41
C SER A 123 -4.20 10.03 8.75
N VAL A 124 -3.33 10.30 7.79
CA VAL A 124 -2.14 11.06 8.04
C VAL A 124 -1.84 12.01 6.90
N SER A 125 -1.27 13.15 7.25
CA SER A 125 -0.82 14.15 6.31
C SER A 125 0.52 13.86 5.64
N GLY A 126 1.57 13.62 6.44
CA GLY A 126 2.90 13.37 5.91
C GLY A 126 3.61 14.66 5.57
N SER A 129 7.83 16.13 4.64
CA SER A 129 9.07 15.35 4.47
C SER A 129 8.82 13.89 4.85
N GLY A 130 9.45 13.46 5.95
CA GLY A 130 9.28 12.11 6.44
C GLY A 130 10.44 11.21 6.08
N LYS A 131 11.41 11.10 6.97
CA LYS A 131 12.58 10.26 6.73
C LYS A 131 12.19 8.79 6.72
N GLU A 132 12.66 8.09 5.70
CA GLU A 132 12.35 6.69 5.49
C GLU A 132 13.56 5.86 5.89
N THR A 133 13.35 4.78 6.62
CA THR A 133 14.45 3.87 6.91
C THR A 133 14.85 3.19 5.61
N ALA A 134 16.10 2.75 5.52
CA ALA A 134 16.56 2.07 4.32
C ALA A 134 15.71 0.83 4.06
N ALA A 135 15.32 0.14 5.12
CA ALA A 135 14.52 -1.06 4.99
C ALA A 135 13.13 -0.74 4.43
N ALA A 136 12.51 0.31 4.93
CA ALA A 136 11.20 0.73 4.46
C ALA A 136 11.25 1.16 2.99
N LYS A 137 12.36 1.78 2.60
CA LYS A 137 12.54 2.21 1.22
C LYS A 137 12.68 1.02 0.28
N PHE A 138 13.38 -0.03 0.74
CA PHE A 138 13.51 -1.24 -0.06
C PHE A 138 12.14 -1.86 -0.31
N GLU A 139 11.30 -1.90 0.73
CA GLU A 139 9.98 -2.46 0.59
C GLU A 139 9.12 -1.64 -0.38
N ARG A 140 9.24 -0.31 -0.30
CA ARG A 140 8.46 0.56 -1.18
C ARG A 140 8.90 0.40 -2.63
N GLN A 141 10.20 0.31 -2.84
CA GLN A 141 10.74 0.23 -4.19
C GLN A 141 10.71 -1.17 -4.80
N HIS A 142 10.77 -2.19 -3.96
CA HIS A 142 11.05 -3.54 -4.47
C HIS A 142 10.12 -4.67 -4.03
N MET A 143 9.18 -4.38 -3.14
CA MET A 143 8.27 -5.42 -2.67
C MET A 143 6.85 -5.22 -3.19
N ASP A 144 6.32 -6.24 -3.84
CA ASP A 144 4.90 -6.25 -4.20
C ASP A 144 4.28 -7.59 -3.84
N SER A 145 3.93 -7.75 -2.57
CA SER A 145 3.33 -9.00 -2.09
C SER A 145 1.84 -9.08 -2.39
N SER A 146 1.29 -8.01 -2.99
CA SER A 146 -0.14 -7.96 -3.27
C SER A 146 -0.54 -8.90 -4.39
N THR A 147 0.42 -9.24 -5.25
CA THR A 147 0.14 -10.09 -6.40
C THR A 147 1.29 -11.07 -6.66
N SER A 148 0.96 -12.20 -7.28
CA SER A 148 1.95 -13.26 -7.52
C SER A 148 2.77 -13.01 -8.79
N ALA A 149 2.28 -12.10 -9.63
CA ALA A 149 2.97 -11.77 -10.87
C ALA A 149 2.26 -10.62 -11.57
N ALA A 150 2.91 -10.04 -12.57
CA ALA A 150 2.31 -8.98 -13.36
C ALA A 150 1.16 -9.53 -14.19
N SER A 151 -0.03 -8.95 -14.03
CA SER A 151 -1.20 -9.44 -14.72
C SER A 151 -1.35 -8.84 -16.12
N SER A 152 -0.63 -7.75 -16.38
CA SER A 152 -0.70 -7.11 -17.69
C SER A 152 0.55 -6.29 -18.00
N SER A 153 0.63 -5.81 -19.23
CA SER A 153 1.79 -5.05 -19.69
C SER A 153 1.84 -3.65 -19.10
N ASN A 154 0.77 -3.23 -18.43
CA ASN A 154 0.70 -1.91 -17.81
C ASN A 154 1.16 -1.89 -16.36
N TYR A 155 1.58 -3.05 -15.86
CA TYR A 155 1.97 -3.19 -14.46
C TYR A 155 3.01 -2.15 -14.04
N CYS A 156 4.09 -2.05 -14.80
CA CYS A 156 5.18 -1.14 -14.45
C CYS A 156 4.78 0.33 -14.55
N ASN A 157 4.07 0.69 -15.61
CA ASN A 157 3.54 2.03 -15.75
C ASN A 157 2.84 2.50 -14.47
N GLN A 158 2.02 1.62 -13.92
CA GLN A 158 1.22 1.93 -12.74
C GLN A 158 2.04 1.87 -11.45
N MET A 159 2.81 0.80 -11.29
CA MET A 159 3.57 0.59 -10.05
C MET A 159 4.71 1.58 -9.87
N MET A 160 5.43 1.87 -10.95
CA MET A 160 6.49 2.87 -10.88
C MET A 160 5.91 4.21 -10.42
N LYS A 161 4.69 4.51 -10.86
CA LYS A 161 4.01 5.73 -10.45
C LYS A 161 3.53 5.66 -9.01
N SER A 162 2.75 4.64 -8.70
CA SER A 162 2.15 4.49 -7.38
C SER A 162 3.17 4.37 -6.25
N ARG A 163 4.37 3.86 -6.58
CA ARG A 163 5.42 3.73 -5.58
C ARG A 163 6.34 4.95 -5.56
N ASN A 164 5.91 6.00 -6.25
CA ASN A 164 6.62 7.29 -6.26
C ASN A 164 8.01 7.23 -6.88
N LEU A 165 8.19 6.36 -7.87
CA LEU A 165 9.46 6.23 -8.56
C LEU A 165 9.53 7.10 -9.80
N THR A 166 8.55 7.97 -9.98
CA THR A 166 8.54 8.88 -11.12
C THR A 166 8.21 10.31 -10.69
N LYS A 167 8.39 10.60 -9.42
CA LYS A 167 7.97 11.88 -8.88
C LYS A 167 8.72 13.07 -9.51
N ASP A 168 10.05 13.00 -9.52
CA ASP A 168 10.85 14.10 -10.05
C ASP A 168 11.49 13.72 -11.39
N ARG A 169 11.67 12.43 -11.61
CA ARG A 169 12.15 11.89 -12.88
C ARG A 169 11.79 10.43 -12.98
N CYS A 170 11.91 9.86 -14.18
CA CYS A 170 11.61 8.46 -14.40
C CYS A 170 12.80 7.59 -13.98
N LYS A 171 12.64 6.83 -12.90
CA LYS A 171 13.65 5.84 -12.56
C LYS A 171 13.71 4.86 -13.72
N PRO A 172 14.89 4.75 -14.37
CA PRO A 172 15.00 3.97 -15.61
C PRO A 172 14.73 2.49 -15.45
N VAL A 173 15.25 1.88 -14.39
CA VAL A 173 15.15 0.44 -14.19
C VAL A 173 14.83 0.09 -12.75
N ASN A 174 13.90 -0.85 -12.56
CA ASN A 174 13.48 -1.24 -11.22
C ASN A 174 12.80 -2.61 -11.20
N THR A 175 13.08 -3.42 -10.19
CA THR A 175 12.48 -4.73 -10.05
C THR A 175 11.56 -4.80 -8.84
N PHE A 176 10.39 -5.41 -9.02
CA PHE A 176 9.50 -5.69 -7.89
C PHE A 176 9.48 -7.20 -7.66
N VAL A 177 9.47 -7.61 -6.39
CA VAL A 177 9.46 -9.02 -6.04
C VAL A 177 8.09 -9.44 -5.51
N HIS A 178 7.54 -10.51 -6.10
CA HIS A 178 6.25 -11.04 -5.68
C HIS A 178 6.44 -12.27 -4.81
N GLU A 179 6.95 -12.05 -3.61
CA GLU A 179 7.04 -13.10 -2.61
C GLU A 179 6.75 -12.47 -1.26
N SER A 180 6.58 -13.30 -0.23
CA SER A 180 6.35 -12.79 1.11
C SER A 180 7.56 -12.01 1.59
N LEU A 181 7.33 -11.04 2.47
CA LEU A 181 8.43 -10.28 3.07
C LEU A 181 9.36 -11.21 3.84
N ALA A 182 8.78 -12.19 4.53
CA ALA A 182 9.58 -13.20 5.24
C ALA A 182 10.51 -13.97 4.31
N ASP A 183 10.00 -14.34 3.14
CA ASP A 183 10.82 -15.07 2.17
C ASP A 183 11.98 -14.21 1.67
N VAL A 184 11.69 -12.95 1.41
CA VAL A 184 12.73 -12.03 0.92
C VAL A 184 13.71 -11.69 2.04
N GLN A 185 13.21 -11.45 3.24
CA GLN A 185 14.11 -11.18 4.37
C GLN A 185 15.02 -12.37 4.67
N ALA A 186 14.51 -13.58 4.46
CA ALA A 186 15.33 -14.79 4.66
C ALA A 186 16.54 -14.85 3.74
N VAL A 187 16.48 -14.13 2.63
CA VAL A 187 17.61 -14.17 1.70
C VAL A 187 18.88 -13.64 2.36
N CYS A 188 18.73 -12.76 3.36
CA CYS A 188 19.90 -12.19 4.02
C CYS A 188 20.69 -13.23 4.81
N SER A 189 20.15 -14.44 4.89
CA SER A 189 20.82 -15.54 5.58
C SER A 189 21.17 -16.67 4.62
N GLN A 190 21.14 -16.39 3.32
CA GLN A 190 21.42 -17.42 2.31
C GLN A 190 22.82 -17.30 1.70
N LYS A 191 22.93 -17.42 0.38
N LYS A 191 22.93 -17.41 0.38
CA LYS A 191 24.26 -17.46 -0.25
CA LYS A 191 24.23 -17.43 -0.28
C LYS A 191 24.94 -16.10 -0.34
C LYS A 191 24.91 -16.06 -0.30
N ASN A 192 25.96 -15.91 0.50
CA ASN A 192 26.71 -14.66 0.53
C ASN A 192 27.52 -14.49 -0.75
N VAL A 193 27.33 -13.33 -1.40
CA VAL A 193 28.08 -13.01 -2.60
C VAL A 193 28.53 -11.55 -2.58
N ALA A 194 29.47 -11.21 -3.45
CA ALA A 194 29.87 -9.82 -3.60
C ALA A 194 28.77 -9.02 -4.28
N CYS A 195 28.61 -7.77 -3.86
CA CYS A 195 27.70 -6.84 -4.52
C CYS A 195 28.38 -6.26 -5.76
N LYS A 196 27.61 -5.62 -6.62
CA LYS A 196 28.15 -4.99 -7.82
C LYS A 196 29.25 -4.00 -7.45
N ASN A 197 29.09 -3.34 -6.31
CA ASN A 197 30.01 -2.30 -5.87
C ASN A 197 31.26 -2.85 -5.19
N GLY A 198 31.35 -4.17 -5.06
CA GLY A 198 32.52 -4.79 -4.48
C GLY A 198 32.41 -5.03 -2.97
N GLN A 199 31.35 -4.53 -2.36
CA GLN A 199 31.12 -4.81 -0.94
C GLN A 199 30.59 -6.24 -0.84
N THR A 200 30.67 -6.82 0.36
CA THR A 200 30.34 -8.23 0.51
C THR A 200 29.15 -8.48 1.44
N ASN A 201 28.21 -7.54 1.49
CA ASN A 201 26.98 -7.75 2.24
C ASN A 201 25.81 -8.07 1.32
N CYS A 202 26.09 -8.78 0.23
CA CYS A 202 25.02 -9.20 -0.68
C CYS A 202 24.76 -10.69 -0.54
N TYR A 203 23.55 -11.10 -0.93
CA TYR A 203 23.09 -12.47 -0.75
C TYR A 203 22.20 -12.85 -1.93
N GLN A 204 22.46 -14.02 -2.50
CA GLN A 204 21.62 -14.54 -3.56
C GLN A 204 20.64 -15.54 -2.98
N SER A 205 19.37 -15.40 -3.36
CA SER A 205 18.33 -16.31 -2.89
C SER A 205 18.62 -17.72 -3.37
N TYR A 206 18.46 -18.70 -2.49
CA TYR A 206 18.63 -20.09 -2.88
C TYR A 206 17.60 -20.46 -3.95
N SER A 207 16.38 -19.95 -3.79
CA SER A 207 15.30 -20.28 -4.70
C SER A 207 15.08 -19.19 -5.73
N THR A 208 14.49 -19.56 -6.87
CA THR A 208 14.01 -18.57 -7.81
C THR A 208 12.78 -17.94 -7.20
N MET A 209 12.49 -16.70 -7.58
CA MET A 209 11.34 -15.98 -7.05
C MET A 209 10.59 -15.32 -8.18
N SER A 210 9.30 -15.09 -7.99
CA SER A 210 8.53 -14.34 -8.97
C SER A 210 8.85 -12.85 -8.89
N ILE A 211 9.34 -12.30 -9.98
CA ILE A 211 9.72 -10.89 -10.02
C ILE A 211 9.18 -10.23 -11.27
N THR A 212 9.03 -8.91 -11.22
CA THR A 212 8.69 -8.13 -12.40
C THR A 212 9.77 -7.10 -12.67
N ASP A 213 10.38 -7.18 -13.85
N ASP A 213 10.34 -7.15 -13.87
CA ASP A 213 11.38 -6.21 -14.26
CA ASP A 213 11.39 -6.23 -14.26
C ASP A 213 10.71 -5.05 -14.97
C ASP A 213 10.81 -5.04 -15.03
N CYS A 214 10.98 -3.84 -14.48
CA CYS A 214 10.48 -2.63 -15.13
C CYS A 214 11.63 -1.85 -15.74
N ARG A 215 11.50 -1.53 -17.02
CA ARG A 215 12.52 -0.72 -17.70
C ARG A 215 11.89 0.32 -18.61
N GLU A 216 12.29 1.56 -18.40
CA GLU A 216 11.82 2.69 -19.20
C GLU A 216 11.96 2.41 -20.70
N THR A 217 10.93 2.76 -21.46
CA THR A 217 10.97 2.58 -22.90
C THR A 217 11.88 3.64 -23.50
N GLY A 218 12.28 3.44 -24.75
CA GLY A 218 13.19 4.35 -25.41
C GLY A 218 12.61 5.73 -25.64
N SER A 219 11.29 5.80 -25.77
CA SER A 219 10.62 7.07 -26.05
C SER A 219 10.04 7.72 -24.80
N SER A 220 10.32 7.12 -23.64
CA SER A 220 9.80 7.64 -22.38
C SER A 220 10.45 8.97 -22.02
N LYS A 221 9.62 9.94 -21.67
CA LYS A 221 10.10 11.27 -21.31
C LYS A 221 9.31 11.85 -20.14
N TYR A 222 10.00 12.15 -19.05
CA TYR A 222 9.38 12.79 -17.90
C TYR A 222 8.69 14.09 -18.34
N PRO A 223 7.53 14.40 -17.73
CA PRO A 223 6.84 13.65 -16.67
C PRO A 223 5.88 12.60 -17.24
N ASN A 224 6.20 12.07 -18.41
CA ASN A 224 5.40 11.01 -19.01
C ASN A 224 6.19 9.71 -19.03
N CYS A 225 6.38 9.12 -17.86
CA CYS A 225 7.21 7.93 -17.73
C CYS A 225 6.50 6.67 -18.23
N ALA A 226 7.12 6.00 -19.21
CA ALA A 226 6.56 4.78 -19.77
C ALA A 226 7.55 3.63 -19.60
N TYR A 227 7.03 2.46 -19.23
CA TYR A 227 7.85 1.31 -18.91
C TYR A 227 7.41 0.05 -19.66
N LYS A 228 8.39 -0.79 -20.00
CA LYS A 228 8.12 -2.13 -20.47
C LYS A 228 8.11 -3.09 -19.27
N THR A 229 7.11 -3.96 -19.23
CA THR A 229 6.95 -4.90 -18.13
C THR A 229 7.37 -6.31 -18.53
N THR A 230 8.30 -6.89 -17.78
CA THR A 230 8.74 -8.25 -18.04
C THR A 230 8.62 -9.09 -16.77
N GLN A 231 7.77 -10.11 -16.83
CA GLN A 231 7.58 -11.02 -15.70
C GLN A 231 8.56 -12.18 -15.82
N ALA A 232 9.14 -12.58 -14.69
CA ALA A 232 10.15 -13.64 -14.71
C ALA A 232 10.26 -14.37 -13.38
N ASN A 233 10.93 -15.52 -13.42
CA ASN A 233 11.26 -16.28 -12.22
C ASN A 233 12.77 -16.43 -12.13
N LYS A 234 13.39 -15.65 -11.26
CA LYS A 234 14.84 -15.63 -11.14
C LYS A 234 15.26 -15.57 -9.68
N HIS A 235 16.52 -15.93 -9.41
CA HIS A 235 17.08 -15.69 -8.08
C HIS A 235 17.31 -14.19 -7.96
N ILE A 236 17.12 -13.65 -6.77
CA ILE A 236 17.41 -12.25 -6.53
C ILE A 236 18.68 -12.11 -5.71
N ILE A 237 19.35 -10.98 -5.88
CA ILE A 237 20.51 -10.67 -5.07
C ILE A 237 20.25 -9.33 -4.39
N VAL A 238 20.26 -9.34 -3.06
CA VAL A 238 19.99 -8.14 -2.29
C VAL A 238 21.16 -7.82 -1.38
N ALA A 239 21.32 -6.55 -1.07
CA ALA A 239 22.27 -6.11 -0.06
C ALA A 239 21.51 -6.04 1.25
N CYS A 240 22.11 -6.57 2.31
CA CYS A 240 21.45 -6.56 3.62
C CYS A 240 22.25 -5.78 4.66
N GLU A 241 21.55 -5.21 5.62
CA GLU A 241 22.20 -4.42 6.64
C GLU A 241 21.32 -4.17 7.84
N GLY A 242 21.96 -3.91 8.98
CA GLY A 242 21.29 -3.53 10.19
C GLY A 242 20.83 -4.69 11.05
N ASN A 243 20.21 -4.35 12.17
CA ASN A 243 19.66 -5.34 13.08
C ASN A 243 18.24 -4.92 13.39
N PRO A 244 17.24 -5.66 12.90
CA PRO A 244 17.31 -6.93 12.16
C PRO A 244 18.02 -6.80 10.82
N TYR A 245 18.71 -7.87 10.42
CA TYR A 245 19.49 -7.90 9.19
C TYR A 245 18.57 -8.11 8.02
N VAL A 246 18.23 -7.02 7.34
CA VAL A 246 17.22 -7.06 6.29
C VAL A 246 17.72 -6.40 5.01
N PRO A 247 17.00 -6.62 3.89
CA PRO A 247 17.45 -6.03 2.63
C PRO A 247 17.33 -4.51 2.62
N VAL A 248 18.35 -3.85 2.09
CA VAL A 248 18.35 -2.40 1.96
C VAL A 248 18.64 -1.96 0.52
N HIS A 249 19.02 -2.90 -0.33
CA HIS A 249 19.22 -2.62 -1.76
C HIS A 249 18.94 -3.85 -2.60
N PHE A 250 18.39 -3.63 -3.80
CA PHE A 250 18.24 -4.70 -4.79
C PHE A 250 19.40 -4.64 -5.76
N ASP A 251 20.29 -5.63 -5.68
CA ASP A 251 21.53 -5.58 -6.46
C ASP A 251 21.32 -6.08 -7.88
N ALA A 252 20.63 -7.21 -8.01
CA ALA A 252 20.47 -7.85 -9.31
C ALA A 252 19.55 -9.05 -9.21
N SER A 253 19.18 -9.59 -10.36
CA SER A 253 18.52 -10.88 -10.43
C SER A 253 19.35 -11.73 -11.36
N VAL A 254 19.30 -13.04 -11.16
CA VAL A 254 20.13 -13.95 -11.94
C VAL A 254 19.36 -15.21 -12.30
S SO4 B . -14.41 -13.65 9.01
O1 SO4 B . -15.02 -12.39 9.40
O2 SO4 B . -13.82 -13.48 7.68
O3 SO4 B . -13.38 -14.02 9.97
O4 SO4 B . -15.43 -14.70 8.95
S SO4 C . -13.26 -0.33 12.33
O1 SO4 C . -12.96 -0.37 13.76
O2 SO4 C . -14.55 0.32 12.12
O3 SO4 C . -12.23 0.44 11.64
O4 SO4 C . -13.30 -1.70 11.81
S SO4 D . 18.16 0.22 -4.62
O1 SO4 D . 18.11 0.48 -3.19
O2 SO4 D . 16.86 0.48 -5.22
O3 SO4 D . 19.15 1.11 -5.23
O4 SO4 D . 18.55 -1.16 -4.86
S SO4 E . 19.05 -7.17 -13.36
O1 SO4 E . 19.85 -6.12 -14.00
O2 SO4 E . 18.15 -6.56 -12.39
O3 SO4 E . 18.30 -7.90 -14.37
O4 SO4 E . 19.96 -8.09 -12.67
C1 GOL F . 3.86 -8.18 -19.39
O1 GOL F . 3.42 -7.93 -20.70
C2 GOL F . 4.30 -9.64 -19.26
O2 GOL F . 3.51 -10.28 -18.29
C3 GOL F . 5.76 -9.68 -18.84
O3 GOL F . 6.30 -10.96 -19.06
#